data_4G7N
#
_entry.id   4G7N
#
_cell.length_a   86.773
_cell.length_b   135.580
_cell.length_c   46.670
_cell.angle_alpha   90.00
_cell.angle_beta   90.00
_cell.angle_gamma   90.00
#
_symmetry.space_group_name_H-M   'P 21 21 2'
#
loop_
_entity.id
_entity.type
_entity.pdbx_description
1 polymer 'Serine/threonine-protein kinase PLK4'
2 non-polymer 'SULFATE ION'
3 water water
#
_entity_poly.entity_id   1
_entity_poly.type   'polypeptide(L)'
_entity_poly.pdbx_seq_one_letter_code
;GSHMDRISVPPLNTKRLLPTRYKTKNAIMSILRNGEVVLEFLKFRPTYNEDRINDICRISDDGQRIIIYQPDPGRGLPVR
EQPPDLQIPSGDCVYNYDNLPSKHWKKYIYGARFVGLVKSKTPKVTYFSTLGKCQLMETMTDFEIRFYSGAKLLKTPSEG
LKVYDRNGMLLSDYSCSESRSLIEHGNECFTHCVNISNALEVAQTKDNSCFPVTIGRRPITDVQP
;
_entity_poly.pdbx_strand_id   A,B
#
loop_
_chem_comp.id
_chem_comp.type
_chem_comp.name
_chem_comp.formula
SO4 non-polymer 'SULFATE ION' 'O4 S -2'
#
# COMPACT_ATOMS: atom_id res chain seq x y z
N SER A 2 5.66 4.12 23.95
CA SER A 2 6.35 3.75 22.72
C SER A 2 5.65 4.26 21.46
N HIS A 3 6.44 4.68 20.47
CA HIS A 3 5.95 5.21 19.19
C HIS A 3 5.33 4.11 18.33
N MET A 4 5.79 2.88 18.51
CA MET A 4 5.26 1.79 17.72
C MET A 4 3.98 1.24 18.33
N ASP A 5 3.73 1.60 19.58
CA ASP A 5 2.49 1.24 20.25
C ASP A 5 1.46 2.34 20.06
N ARG A 6 1.11 2.58 18.79
CA ARG A 6 0.09 3.56 18.45
C ARG A 6 -0.80 2.99 17.36
N ILE A 7 -1.87 3.70 17.00
CA ILE A 7 -2.79 3.21 15.97
C ILE A 7 -2.09 3.12 14.61
N SER A 8 -2.43 2.07 13.85
CA SER A 8 -1.64 1.65 12.68
C SER A 8 -1.98 2.37 11.38
N VAL A 9 -2.91 3.33 11.44
CA VAL A 9 -3.27 4.16 10.28
C VAL A 9 -3.20 5.61 10.69
N PRO A 10 -2.79 6.49 9.76
CA PRO A 10 -2.81 7.94 10.05
C PRO A 10 -4.26 8.42 10.07
N PRO A 11 -4.50 9.66 10.54
CA PRO A 11 -5.90 10.16 10.56
C PRO A 11 -6.50 10.16 9.16
N LEU A 12 -7.72 9.66 9.07
CA LEU A 12 -8.41 9.55 7.79
C LEU A 12 -8.85 10.94 7.33
N ASN A 13 -9.35 11.03 6.10
CA ASN A 13 -10.05 12.24 5.63
C ASN A 13 -10.93 11.99 4.42
N THR A 14 -12.03 12.71 4.34
CA THR A 14 -13.03 12.42 3.32
C THR A 14 -13.04 13.50 2.25
N LYS A 15 -11.90 14.17 2.11
CA LYS A 15 -11.74 15.22 1.13
C LYS A 15 -12.25 14.80 -0.26
N ARG A 16 -13.20 15.56 -0.79
CA ARG A 16 -13.72 15.35 -2.15
C ARG A 16 -14.45 14.01 -2.34
N LEU A 17 -14.81 13.34 -1.26
CA LEU A 17 -15.63 12.13 -1.36
C LEU A 17 -17.14 12.44 -1.26
N LEU A 18 -17.93 11.89 -2.16
CA LEU A 18 -19.36 12.19 -2.18
C LEU A 18 -20.11 11.22 -1.28
N PRO A 19 -21.37 11.52 -0.94
CA PRO A 19 -22.09 10.65 0.00
C PRO A 19 -22.19 9.23 -0.54
N THR A 20 -22.15 8.24 0.36
CA THR A 20 -22.18 6.86 -0.08
C THR A 20 -22.48 5.93 1.09
N ARG A 21 -22.98 4.74 0.78
CA ARG A 21 -23.36 3.78 1.83
C ARG A 21 -23.00 2.35 1.44
N TYR A 22 -22.08 1.72 2.18
CA TYR A 22 -21.74 0.31 1.97
C TYR A 22 -22.42 -0.59 3.00
N LYS A 23 -22.94 -1.71 2.52
CA LYS A 23 -23.54 -2.72 3.39
C LYS A 23 -22.73 -4.00 3.33
N THR A 24 -22.15 -4.38 4.47
CA THR A 24 -21.54 -5.69 4.60
C THR A 24 -22.33 -6.51 5.60
N LYS A 25 -21.95 -7.76 5.80
CA LYS A 25 -22.70 -8.63 6.70
C LYS A 25 -22.63 -8.14 8.14
N ASN A 26 -21.56 -7.42 8.47
CA ASN A 26 -21.38 -6.99 9.86
C ASN A 26 -21.35 -5.48 10.12
N ALA A 27 -21.60 -4.67 9.10
CA ALA A 27 -21.62 -3.23 9.30
C ALA A 27 -22.28 -2.51 8.16
N ILE A 28 -22.69 -1.30 8.43
CA ILE A 28 -23.15 -0.38 7.42
C ILE A 28 -22.24 0.84 7.52
N MET A 29 -21.60 1.21 6.42
CA MET A 29 -20.66 2.31 6.47
C MET A 29 -21.04 3.45 5.54
N SER A 30 -21.13 4.65 6.11
CA SER A 30 -21.60 5.79 5.37
C SER A 30 -20.62 6.94 5.39
N ILE A 31 -20.56 7.63 4.26
CA ILE A 31 -19.98 8.95 4.20
C ILE A 31 -21.14 9.88 3.98
N LEU A 32 -21.41 10.77 4.93
CA LEU A 32 -22.51 11.71 4.79
C LEU A 32 -22.12 12.95 3.98
N ARG A 33 -23.14 13.71 3.60
CA ARG A 33 -22.97 14.96 2.87
C ARG A 33 -21.97 15.89 3.57
N ASN A 34 -21.92 15.85 4.90
CA ASN A 34 -21.04 16.76 5.62
C ASN A 34 -19.59 16.25 5.69
N GLY A 35 -19.35 15.08 5.09
CA GLY A 35 -18.04 14.48 5.08
C GLY A 35 -17.76 13.51 6.23
N GLU A 36 -18.72 13.37 7.16
CA GLU A 36 -18.56 12.48 8.30
C GLU A 36 -18.70 11.01 7.94
N VAL A 37 -17.91 10.19 8.60
CA VAL A 37 -17.97 8.75 8.42
C VAL A 37 -18.84 8.18 9.52
N VAL A 38 -19.79 7.33 9.17
CA VAL A 38 -20.59 6.68 10.19
C VAL A 38 -20.60 5.17 9.97
N LEU A 39 -20.09 4.46 10.95
CA LEU A 39 -20.00 3.01 10.92
C LEU A 39 -21.05 2.43 11.85
N GLU A 40 -21.94 1.61 11.31
CA GLU A 40 -22.99 0.99 12.12
C GLU A 40 -22.77 -0.52 12.23
N PHE A 41 -22.36 -0.98 13.41
CA PHE A 41 -22.02 -2.39 13.57
C PHE A 41 -23.25 -3.25 13.89
N LEU A 42 -23.41 -4.32 13.11
CA LEU A 42 -24.60 -5.16 13.17
C LEU A 42 -24.34 -6.51 13.85
N LYS A 43 -25.37 -7.08 14.44
CA LYS A 43 -25.27 -8.31 15.19
C LYS A 43 -26.68 -8.92 15.19
N PHE A 44 -26.84 -10.17 14.77
CA PHE A 44 -28.18 -10.75 14.73
C PHE A 44 -28.70 -11.06 16.15
N ARG A 45 -29.94 -10.67 16.45
CA ARG A 45 -30.46 -10.88 17.80
C ARG A 45 -31.75 -11.68 17.79
N PRO A 46 -31.64 -12.98 18.07
CA PRO A 46 -32.77 -13.92 18.05
C PRO A 46 -33.99 -13.33 18.73
N THR A 47 -33.78 -12.62 19.83
CA THR A 47 -34.90 -12.11 20.61
C THR A 47 -35.80 -11.24 19.74
N TYR A 48 -35.20 -10.60 18.74
CA TYR A 48 -35.93 -9.75 17.80
C TYR A 48 -36.08 -10.42 16.42
N ASN A 49 -35.41 -11.55 16.23
CA ASN A 49 -35.38 -12.28 14.97
C ASN A 49 -34.82 -11.49 13.77
N GLU A 50 -33.80 -10.67 14.02
CA GLU A 50 -33.24 -9.84 12.96
C GLU A 50 -31.91 -9.24 13.40
N ASP A 51 -31.21 -8.63 12.44
CA ASP A 51 -30.00 -7.86 12.72
C ASP A 51 -30.36 -6.58 13.46
N ARG A 52 -29.55 -6.25 14.46
CA ARG A 52 -29.72 -4.99 15.18
C ARG A 52 -28.38 -4.26 15.18
N ILE A 53 -28.45 -2.93 15.25
CA ILE A 53 -27.27 -2.10 15.37
C ILE A 53 -26.81 -2.17 16.82
N ASN A 54 -25.62 -2.73 17.00
CA ASN A 54 -25.07 -2.97 18.32
C ASN A 54 -24.37 -1.72 18.82
N ASP A 55 -23.40 -1.24 18.04
CA ASP A 55 -22.82 0.05 18.32
C ASP A 55 -22.47 0.85 17.07
N ILE A 56 -22.02 2.07 17.29
CA ILE A 56 -21.86 3.05 16.25
C ILE A 56 -20.58 3.81 16.51
N CYS A 57 -19.92 4.21 15.42
CA CYS A 57 -18.69 4.96 15.51
C CYS A 57 -18.78 6.09 14.47
N ARG A 58 -18.73 7.33 14.94
CA ARG A 58 -18.77 8.48 14.07
C ARG A 58 -17.40 9.16 14.09
N ILE A 59 -16.92 9.56 12.92
CA ILE A 59 -15.57 10.10 12.78
C ILE A 59 -15.65 11.33 11.90
N SER A 60 -15.13 12.46 12.40
CA SER A 60 -15.17 13.72 11.67
C SER A 60 -14.44 13.64 10.31
N ASP A 61 -14.54 14.70 9.51
CA ASP A 61 -14.05 14.64 8.13
C ASP A 61 -12.54 14.77 7.99
N ASP A 62 -11.87 15.25 9.04
CA ASP A 62 -10.41 15.18 9.05
C ASP A 62 -9.88 14.04 9.94
N GLY A 63 -10.76 13.12 10.34
CA GLY A 63 -10.35 11.96 11.11
C GLY A 63 -9.91 12.24 12.55
N GLN A 64 -10.06 13.50 12.98
CA GLN A 64 -9.56 13.94 14.27
C GLN A 64 -10.57 13.78 15.41
N ARG A 65 -11.85 13.68 15.08
CA ARG A 65 -12.84 13.49 16.14
C ARG A 65 -13.56 12.14 16.02
N ILE A 66 -13.65 11.42 17.13
CA ILE A 66 -14.30 10.13 17.14
C ILE A 66 -15.33 10.04 18.25
N ILE A 67 -16.53 9.58 17.90
CA ILE A 67 -17.60 9.43 18.86
C ILE A 67 -18.10 7.99 18.82
N ILE A 68 -18.12 7.36 19.99
CA ILE A 68 -18.58 5.98 20.11
C ILE A 68 -19.90 5.90 20.85
N TYR A 69 -20.89 5.26 20.23
CA TYR A 69 -22.17 4.99 20.87
C TYR A 69 -22.34 3.49 21.03
N GLN A 70 -23.27 3.12 21.90
CA GLN A 70 -23.61 1.73 22.17
C GLN A 70 -25.07 1.79 22.56
N PRO A 71 -25.92 2.15 21.58
CA PRO A 71 -27.27 2.60 21.89
C PRO A 71 -28.10 1.44 22.46
N ASP A 72 -29.00 1.73 23.41
CA ASP A 72 -29.90 0.72 23.96
C ASP A 72 -29.18 -0.63 24.15
N PRO A 73 -28.12 -0.64 24.99
CA PRO A 73 -27.16 -1.74 25.14
C PRO A 73 -27.81 -3.11 25.31
N GLY A 74 -27.26 -4.10 24.61
CA GLY A 74 -27.80 -5.46 24.64
C GLY A 74 -28.94 -5.66 23.65
N ARG A 75 -29.74 -4.61 23.48
CA ARG A 75 -30.91 -4.66 22.60
C ARG A 75 -30.64 -4.07 21.20
N GLY A 76 -29.91 -2.96 21.17
CA GLY A 76 -29.55 -2.28 19.94
C GLY A 76 -30.71 -1.55 19.28
N LEU A 77 -30.49 -1.12 18.04
CA LEU A 77 -31.50 -0.40 17.28
C LEU A 77 -31.78 -1.11 15.96
N PRO A 78 -33.02 -0.98 15.44
CA PRO A 78 -33.32 -1.60 14.15
C PRO A 78 -32.54 -0.85 13.09
N VAL A 79 -32.05 -1.53 12.06
CA VAL A 79 -31.28 -0.80 11.05
C VAL A 79 -32.23 0.03 10.21
N ARG A 80 -31.82 1.26 9.90
CA ARG A 80 -32.56 2.15 9.01
C ARG A 80 -31.75 2.39 7.75
N GLU A 81 -32.36 3.00 6.74
CA GLU A 81 -31.66 3.30 5.49
C GLU A 81 -30.76 4.54 5.62
N GLN A 82 -30.88 5.24 6.74
CA GLN A 82 -29.99 6.36 7.07
C GLN A 82 -29.61 6.26 8.54
N PRO A 83 -28.36 6.60 8.88
CA PRO A 83 -27.94 6.54 10.28
C PRO A 83 -28.52 7.68 11.11
N PRO A 84 -29.11 7.38 12.27
CA PRO A 84 -29.70 8.44 13.11
C PRO A 84 -28.64 9.01 14.05
N ASP A 85 -28.71 10.31 14.31
CA ASP A 85 -27.75 10.98 15.18
C ASP A 85 -28.21 10.93 16.64
N LEU A 86 -27.71 9.93 17.36
CA LEU A 86 -28.21 9.62 18.69
C LEU A 86 -27.59 10.49 19.77
N GLN A 87 -28.12 10.35 20.97
CA GLN A 87 -27.53 11.02 22.12
C GLN A 87 -26.24 10.31 22.50
N ILE A 88 -25.25 11.07 22.92
CA ILE A 88 -24.03 10.47 23.39
C ILE A 88 -24.16 10.34 24.90
N PRO A 89 -23.90 9.13 25.43
CA PRO A 89 -24.12 8.88 26.85
C PRO A 89 -23.39 9.90 27.73
N SER A 90 -22.17 10.24 27.34
CA SER A 90 -21.34 11.15 28.14
C SER A 90 -20.17 11.70 27.32
N GLY A 91 -19.49 12.71 27.87
CA GLY A 91 -18.33 13.29 27.21
C GLY A 91 -17.19 12.30 27.10
N ASP A 92 -17.25 11.24 27.90
CA ASP A 92 -16.22 10.21 27.89
C ASP A 92 -16.24 9.45 26.57
N CYS A 93 -17.34 9.55 25.83
CA CYS A 93 -17.50 8.83 24.58
C CYS A 93 -17.07 9.64 23.35
N VAL A 94 -16.48 10.81 23.58
CA VAL A 94 -16.00 11.68 22.50
C VAL A 94 -14.50 11.78 22.57
N TYR A 95 -13.83 11.23 21.56
CA TYR A 95 -12.39 11.09 21.59
C TYR A 95 -11.79 11.88 20.45
N ASN A 96 -10.50 12.13 20.52
CA ASN A 96 -9.77 12.59 19.35
C ASN A 96 -8.81 11.50 18.89
N TYR A 97 -8.16 11.73 17.77
CA TYR A 97 -7.35 10.69 17.18
C TYR A 97 -6.20 10.26 18.09
N ASP A 98 -5.53 11.22 18.70
CA ASP A 98 -4.34 10.87 19.48
C ASP A 98 -4.66 10.17 20.79
N ASN A 99 -5.82 10.44 21.37
CA ASN A 99 -6.21 9.80 22.62
C ASN A 99 -7.23 8.66 22.46
N LEU A 100 -7.54 8.27 21.22
CA LEU A 100 -8.46 7.14 21.03
C LEU A 100 -7.86 5.89 21.67
N PRO A 101 -8.61 5.26 22.57
CA PRO A 101 -8.12 4.06 23.26
C PRO A 101 -8.04 2.84 22.32
N SER A 102 -7.08 1.98 22.58
CA SER A 102 -6.80 0.87 21.67
C SER A 102 -7.99 -0.08 21.53
N LYS A 103 -8.92 -0.04 22.46
CA LYS A 103 -10.08 -0.94 22.37
C LYS A 103 -11.00 -0.51 21.24
N HIS A 104 -10.79 0.69 20.73
CA HIS A 104 -11.55 1.21 19.60
C HIS A 104 -10.75 1.34 18.30
N TRP A 105 -9.49 0.89 18.28
CA TRP A 105 -8.68 1.06 17.07
C TRP A 105 -9.23 0.25 15.90
N LYS A 106 -9.69 -0.98 16.18
CA LYS A 106 -10.27 -1.84 15.14
C LYS A 106 -11.37 -1.07 14.40
N LYS A 107 -12.23 -0.37 15.15
CA LYS A 107 -13.32 0.40 14.54
C LYS A 107 -12.78 1.51 13.67
N TYR A 108 -11.80 2.25 14.19
CA TYR A 108 -11.28 3.38 13.46
C TYR A 108 -10.61 2.92 12.18
N ILE A 109 -9.78 1.89 12.29
CA ILE A 109 -9.04 1.37 11.15
C ILE A 109 -10.02 0.88 10.11
N TYR A 110 -11.09 0.25 10.57
CA TYR A 110 -12.15 -0.16 9.66
C TYR A 110 -12.75 1.05 8.92
N GLY A 111 -12.92 2.16 9.62
CA GLY A 111 -13.42 3.38 9.00
C GLY A 111 -12.43 3.90 7.97
N ALA A 112 -11.16 3.89 8.35
CA ALA A 112 -10.10 4.38 7.47
C ALA A 112 -9.99 3.51 6.22
N ARG A 113 -10.22 2.21 6.38
CA ARG A 113 -10.18 1.30 5.25
C ARG A 113 -11.36 1.58 4.34
N PHE A 114 -12.51 1.79 4.97
CA PHE A 114 -13.72 2.14 4.24
C PHE A 114 -13.42 3.35 3.37
N VAL A 115 -12.82 4.37 3.96
CA VAL A 115 -12.54 5.61 3.26
C VAL A 115 -11.55 5.41 2.13
N GLY A 116 -10.56 4.57 2.35
CA GLY A 116 -9.61 4.22 1.31
C GLY A 116 -10.28 3.54 0.13
N LEU A 117 -11.28 2.71 0.41
CA LEU A 117 -12.01 2.04 -0.67
C LEU A 117 -12.74 3.06 -1.51
N VAL A 118 -13.37 4.01 -0.85
CA VAL A 118 -14.10 5.08 -1.53
C VAL A 118 -13.15 5.92 -2.38
N LYS A 119 -12.10 6.43 -1.76
CA LYS A 119 -11.04 7.16 -2.46
C LYS A 119 -10.49 6.41 -3.69
N SER A 120 -10.40 5.09 -3.62
CA SER A 120 -9.78 4.32 -4.70
C SER A 120 -10.73 4.18 -5.85
N LYS A 121 -11.97 4.58 -5.64
CA LYS A 121 -13.00 4.51 -6.68
C LYS A 121 -13.49 5.91 -7.02
N THR A 122 -12.82 6.93 -6.50
CA THR A 122 -13.22 8.30 -6.81
C THR A 122 -12.23 8.97 -7.75
N PRO A 123 -12.68 9.27 -8.98
CA PRO A 123 -11.79 9.88 -9.97
C PRO A 123 -11.40 11.30 -9.53
N LYS A 124 -10.12 11.59 -9.66
CA LYS A 124 -9.59 12.92 -9.37
C LYS A 124 -9.11 13.56 -10.66
N VAL A 125 -8.44 12.78 -11.50
CA VAL A 125 -8.02 13.26 -12.82
C VAL A 125 -8.50 12.34 -13.93
N THR A 126 -9.34 12.86 -14.80
CA THR A 126 -9.76 12.11 -15.98
C THR A 126 -9.11 12.67 -17.23
N TYR A 127 -8.42 11.82 -18.00
CA TYR A 127 -7.80 12.27 -19.24
C TYR A 127 -8.23 11.40 -20.41
N PHE A 128 -8.76 12.02 -21.46
CA PHE A 128 -9.06 11.28 -22.70
C PHE A 128 -7.85 11.32 -23.61
N SER A 129 -7.20 10.18 -23.78
CA SER A 129 -6.02 10.16 -24.61
C SER A 129 -6.39 9.82 -26.04
N THR A 130 -5.38 9.74 -26.90
CA THR A 130 -5.55 9.21 -28.23
C THR A 130 -6.02 7.75 -28.24
N LEU A 131 -5.83 7.01 -27.14
CA LEU A 131 -6.19 5.59 -27.12
C LEU A 131 -7.29 5.18 -26.14
N GLY A 132 -7.49 5.96 -25.08
CA GLY A 132 -8.47 5.59 -24.07
C GLY A 132 -8.81 6.68 -23.09
N LYS A 133 -9.71 6.35 -22.17
CA LYS A 133 -10.10 7.25 -21.11
C LYS A 133 -9.41 6.85 -19.83
N CYS A 134 -8.43 7.64 -19.41
CA CYS A 134 -7.61 7.34 -18.26
C CYS A 134 -8.19 8.02 -17.02
N GLN A 135 -8.26 7.30 -15.91
CA GLN A 135 -8.73 7.89 -14.68
C GLN A 135 -7.76 7.59 -13.59
N LEU A 136 -7.15 8.63 -13.03
CA LEU A 136 -6.34 8.49 -11.83
C LEU A 136 -7.22 8.88 -10.65
N MET A 137 -7.25 8.03 -9.63
CA MET A 137 -8.21 8.17 -8.56
C MET A 137 -7.69 8.99 -7.40
N GLU A 138 -8.57 9.31 -6.46
CA GLU A 138 -8.20 10.21 -5.38
C GLU A 138 -7.01 9.69 -4.58
N THR A 139 -6.80 8.37 -4.56
CA THR A 139 -5.67 7.77 -3.86
C THR A 139 -4.33 8.09 -4.51
N MET A 140 -4.35 8.61 -5.72
CA MET A 140 -3.11 8.85 -6.51
C MET A 140 -2.38 7.57 -6.93
N THR A 141 -2.92 6.39 -6.61
CA THR A 141 -2.27 5.13 -6.97
C THR A 141 -3.20 4.12 -7.64
N ASP A 142 -4.51 4.33 -7.53
CA ASP A 142 -5.44 3.53 -8.30
C ASP A 142 -5.67 4.21 -9.65
N PHE A 143 -5.41 3.47 -10.72
CA PHE A 143 -5.39 4.01 -12.06
C PHE A 143 -5.95 3.02 -13.05
N GLU A 144 -6.85 3.50 -13.91
CA GLU A 144 -7.42 2.67 -14.96
C GLU A 144 -7.65 3.39 -16.27
N ILE A 145 -7.53 2.63 -17.33
CA ILE A 145 -7.80 3.12 -18.66
C ILE A 145 -8.83 2.22 -19.27
N ARG A 146 -9.90 2.82 -19.79
CA ARG A 146 -10.87 2.15 -20.61
C ARG A 146 -10.55 2.52 -22.04
N PHE A 147 -9.85 1.62 -22.71
CA PHE A 147 -9.42 1.90 -24.07
C PHE A 147 -10.63 2.01 -25.01
N TYR A 148 -10.57 2.90 -25.99
CA TYR A 148 -11.70 3.08 -26.89
C TYR A 148 -11.92 1.78 -27.65
N SER A 149 -10.83 1.06 -27.89
CA SER A 149 -10.87 -0.19 -28.64
C SER A 149 -11.52 -1.31 -27.83
N GLY A 150 -11.64 -1.13 -26.52
CA GLY A 150 -12.33 -2.09 -25.69
C GLY A 150 -11.49 -2.74 -24.62
N ALA A 151 -10.16 -2.74 -24.82
CA ALA A 151 -9.24 -3.16 -23.77
C ALA A 151 -9.44 -2.37 -22.46
N LYS A 152 -8.90 -2.89 -21.36
CA LYS A 152 -8.97 -2.23 -20.07
C LYS A 152 -7.68 -2.46 -19.32
N LEU A 153 -7.18 -1.44 -18.63
CA LEU A 153 -5.95 -1.58 -17.87
C LEU A 153 -6.20 -1.07 -16.47
N LEU A 154 -5.83 -1.88 -15.49
CA LEU A 154 -6.01 -1.51 -14.10
C LEU A 154 -4.67 -1.50 -13.39
N LYS A 155 -4.52 -0.55 -12.47
CA LYS A 155 -3.31 -0.42 -11.69
C LYS A 155 -3.66 -0.11 -10.23
N THR A 156 -3.30 -1.03 -9.34
CA THR A 156 -3.58 -0.83 -7.92
C THR A 156 -2.35 -1.26 -7.16
N PRO A 157 -2.14 -0.68 -5.97
CA PRO A 157 -1.04 -1.10 -5.08
C PRO A 157 -1.19 -2.56 -4.66
N SER A 158 -2.44 -3.00 -4.60
CA SER A 158 -2.80 -4.28 -3.99
C SER A 158 -2.69 -5.47 -4.93
N GLU A 159 -2.52 -5.20 -6.22
CA GLU A 159 -2.55 -6.26 -7.24
C GLU A 159 -1.66 -5.96 -8.42
N GLY A 160 -0.82 -4.95 -8.27
CA GLY A 160 0.02 -4.51 -9.37
C GLY A 160 -0.81 -4.20 -10.61
N LEU A 161 -0.31 -4.65 -11.74
CA LEU A 161 -0.88 -4.30 -13.03
C LEU A 161 -1.72 -5.45 -13.55
N LYS A 162 -2.89 -5.12 -14.07
CA LYS A 162 -3.75 -6.09 -14.75
C LYS A 162 -4.21 -5.49 -16.05
N VAL A 163 -4.17 -6.27 -17.12
CA VAL A 163 -4.58 -5.76 -18.42
C VAL A 163 -5.52 -6.74 -19.11
N TYR A 164 -6.64 -6.24 -19.59
CA TYR A 164 -7.67 -7.08 -20.19
C TYR A 164 -7.78 -6.77 -21.66
N ASP A 165 -7.67 -7.81 -22.49
CA ASP A 165 -7.78 -7.65 -23.94
C ASP A 165 -9.17 -7.17 -24.36
N ARG A 166 -9.33 -6.87 -25.65
CA ARG A 166 -10.61 -6.42 -26.19
C ARG A 166 -11.75 -7.37 -25.83
N ASN A 167 -11.44 -8.66 -25.64
CA ASN A 167 -12.43 -9.67 -25.31
C ASN A 167 -12.61 -9.88 -23.81
N GLY A 168 -12.13 -8.91 -23.02
CA GLY A 168 -12.33 -8.95 -21.58
C GLY A 168 -11.55 -10.05 -20.89
N MET A 169 -10.54 -10.58 -21.57
CA MET A 169 -9.72 -11.64 -21.00
C MET A 169 -8.44 -11.07 -20.41
N LEU A 170 -8.16 -11.44 -19.16
CA LEU A 170 -6.90 -11.08 -18.50
C LEU A 170 -5.70 -11.61 -19.30
N LEU A 171 -4.71 -10.76 -19.50
CA LEU A 171 -3.50 -11.16 -20.21
C LEU A 171 -2.50 -11.75 -19.22
N SER A 172 -1.88 -12.87 -19.60
CA SER A 172 -0.85 -13.45 -18.75
C SER A 172 0.53 -12.99 -19.19
N ASP A 173 0.69 -12.74 -20.49
CA ASP A 173 1.94 -12.16 -20.98
C ASP A 173 1.67 -11.22 -22.14
N TYR A 174 2.70 -10.48 -22.54
CA TYR A 174 2.59 -9.44 -23.54
C TYR A 174 3.39 -9.76 -24.79
N SER A 175 2.90 -10.75 -25.54
CA SER A 175 3.65 -11.26 -26.67
C SER A 175 3.39 -10.45 -27.94
N CYS A 176 2.14 -10.06 -28.16
CA CYS A 176 1.82 -9.35 -29.40
C CYS A 176 2.02 -7.85 -29.28
N SER A 177 2.16 -7.22 -30.45
CA SER A 177 2.32 -5.78 -30.55
C SER A 177 1.18 -5.02 -29.87
N GLU A 178 0.00 -5.63 -29.83
CA GLU A 178 -1.15 -4.99 -29.21
C GLU A 178 -1.04 -4.91 -27.69
N SER A 179 -0.79 -6.05 -27.04
CA SER A 179 -0.66 -6.06 -25.58
C SER A 179 0.49 -5.19 -25.15
N ARG A 180 1.56 -5.16 -25.93
CA ARG A 180 2.72 -4.38 -25.53
C ARG A 180 2.42 -2.90 -25.62
N SER A 181 1.52 -2.53 -26.54
CA SER A 181 1.15 -1.12 -26.66
C SER A 181 0.21 -0.69 -25.54
N LEU A 182 -0.61 -1.61 -25.03
CA LEU A 182 -1.49 -1.27 -23.90
C LEU A 182 -0.68 -0.96 -22.63
N ILE A 183 0.34 -1.77 -22.38
CA ILE A 183 1.18 -1.60 -21.21
C ILE A 183 1.93 -0.29 -21.34
N GLU A 184 2.45 -0.01 -22.55
CA GLU A 184 3.18 1.22 -22.78
C GLU A 184 2.31 2.46 -22.58
N HIS A 185 1.08 2.42 -23.09
CA HIS A 185 0.18 3.56 -22.93
C HIS A 185 -0.17 3.76 -21.46
N GLY A 186 -0.36 2.66 -20.76
CA GLY A 186 -0.57 2.73 -19.32
C GLY A 186 0.46 3.60 -18.64
N ASN A 187 1.73 3.33 -18.90
CA ASN A 187 2.80 4.07 -18.26
C ASN A 187 2.85 5.53 -18.67
N GLU A 188 2.63 5.80 -19.94
CA GLU A 188 2.71 7.18 -20.41
C GLU A 188 1.53 7.99 -19.87
N CYS A 189 0.33 7.41 -19.92
CA CYS A 189 -0.88 8.12 -19.49
C CYS A 189 -0.89 8.28 -17.97
N PHE A 190 -0.28 7.34 -17.26
CA PHE A 190 -0.24 7.44 -15.81
C PHE A 190 0.71 8.56 -15.40
N THR A 191 1.84 8.63 -16.07
CA THR A 191 2.79 9.70 -15.84
C THR A 191 2.14 11.07 -16.10
N HIS A 192 1.33 11.16 -17.15
CA HIS A 192 0.67 12.43 -17.50
C HIS A 192 -0.38 12.84 -16.46
N CYS A 193 -1.22 11.90 -16.03
CA CYS A 193 -2.25 12.24 -15.06
C CYS A 193 -1.62 12.69 -13.74
N VAL A 194 -0.50 12.08 -13.37
CA VAL A 194 0.19 12.51 -12.17
C VAL A 194 0.75 13.91 -12.36
N ASN A 195 1.38 14.18 -13.51
CA ASN A 195 1.86 15.53 -13.79
C ASN A 195 0.74 16.55 -13.74
N ILE A 196 -0.45 16.17 -14.21
CA ILE A 196 -1.58 17.08 -14.17
C ILE A 196 -1.98 17.38 -12.74
N SER A 197 -2.05 16.34 -11.92
CA SER A 197 -2.37 16.50 -10.51
C SER A 197 -1.38 17.43 -9.85
N ASN A 198 -0.10 17.17 -10.07
CA ASN A 198 0.97 18.02 -9.54
C ASN A 198 0.90 19.47 -10.01
N ALA A 199 0.68 19.69 -11.31
CA ALA A 199 0.62 21.05 -11.85
C ALA A 199 -0.56 21.86 -11.31
N LEU A 200 -1.70 21.21 -11.10
CA LEU A 200 -2.92 21.89 -10.66
C LEU A 200 -2.89 22.40 -9.23
N GLU A 201 -2.30 21.64 -8.34
CA GLU A 201 -2.18 22.07 -6.96
C GLU A 201 -1.79 23.54 -6.84
N VAL A 202 -0.89 23.99 -7.70
CA VAL A 202 -0.41 25.36 -7.71
C VAL A 202 -1.56 26.39 -7.77
N ALA A 203 -2.66 26.02 -8.42
CA ALA A 203 -3.79 26.93 -8.58
C ALA A 203 -4.82 26.77 -7.46
N GLN A 204 -4.66 25.73 -6.65
CA GLN A 204 -5.62 25.38 -5.61
C GLN A 204 -5.56 26.40 -4.47
N THR A 205 -6.74 26.87 -4.04
CA THR A 205 -6.86 27.65 -2.81
C THR A 205 -7.96 27.05 -1.92
N LYS A 206 -8.27 27.73 -0.82
CA LYS A 206 -9.32 27.26 0.07
C LYS A 206 -10.67 27.77 -0.41
N ASP A 207 -10.64 28.78 -1.27
CA ASP A 207 -11.85 29.28 -1.90
C ASP A 207 -12.25 28.48 -3.16
N ASN A 208 -11.27 27.99 -3.92
CA ASN A 208 -11.57 27.32 -5.19
C ASN A 208 -10.79 26.04 -5.43
N SER A 209 -11.52 25.01 -5.87
CA SER A 209 -10.94 23.70 -6.10
C SER A 209 -10.33 23.54 -7.49
N CYS A 210 -9.55 22.49 -7.65
CA CYS A 210 -9.01 22.15 -8.96
C CYS A 210 -9.35 20.70 -9.32
N PHE A 211 -10.04 20.02 -8.42
CA PHE A 211 -10.43 18.63 -8.64
C PHE A 211 -11.89 18.43 -8.24
N PRO A 212 -12.55 17.44 -8.85
CA PRO A 212 -12.02 16.56 -9.89
C PRO A 212 -11.85 17.31 -11.19
N VAL A 213 -10.95 16.84 -12.04
CA VAL A 213 -10.68 17.51 -13.30
C VAL A 213 -10.76 16.51 -14.45
N THR A 214 -11.27 16.95 -15.59
CA THR A 214 -11.36 16.13 -16.78
C THR A 214 -10.79 16.91 -17.95
N ILE A 215 -9.86 16.29 -18.66
CA ILE A 215 -9.20 16.97 -19.76
C ILE A 215 -9.57 16.28 -21.06
N GLY A 216 -9.98 17.08 -22.04
CA GLY A 216 -10.44 16.57 -23.32
C GLY A 216 -11.84 15.99 -23.24
N ARG A 217 -12.21 15.23 -24.27
CA ARG A 217 -13.49 14.55 -24.28
C ARG A 217 -13.53 13.30 -25.18
N ARG A 218 -14.50 12.43 -24.91
CA ARG A 218 -14.78 11.26 -25.72
C ARG A 218 -14.79 11.56 -27.21
N PRO A 219 -13.83 10.98 -27.96
CA PRO A 219 -13.84 11.17 -29.42
C PRO A 219 -15.07 10.57 -30.10
N SER B 2 -14.75 -11.11 11.55
CA SER B 2 -15.16 -10.16 10.52
C SER B 2 -13.95 -9.59 9.80
N HIS B 3 -14.17 -9.05 8.61
CA HIS B 3 -13.15 -8.38 7.81
C HIS B 3 -12.43 -7.27 8.61
N MET B 4 -12.87 -7.08 9.84
CA MET B 4 -12.43 -5.99 10.71
C MET B 4 -11.34 -6.45 11.68
N ASP B 5 -11.13 -7.77 11.76
CA ASP B 5 -10.25 -8.31 12.77
C ASP B 5 -8.91 -8.76 12.20
N ARG B 6 -8.67 -8.41 10.93
CA ARG B 6 -7.48 -8.84 10.23
C ARG B 6 -6.70 -7.65 9.64
N ILE B 7 -5.39 -7.67 9.84
CA ILE B 7 -4.52 -6.56 9.45
C ILE B 7 -4.68 -6.21 7.98
N SER B 8 -4.22 -5.01 7.62
CA SER B 8 -4.43 -4.49 6.26
C SER B 8 -3.45 -5.08 5.23
N VAL B 9 -2.15 -4.97 5.49
CA VAL B 9 -1.19 -5.54 4.55
C VAL B 9 -1.42 -7.03 4.42
N PRO B 10 -1.09 -7.59 3.25
CA PRO B 10 -0.95 -9.04 3.11
C PRO B 10 0.24 -9.52 3.94
N PRO B 11 0.28 -10.81 4.28
CA PRO B 11 1.46 -11.35 4.98
C PRO B 11 2.71 -11.12 4.14
N LEU B 12 3.78 -10.61 4.75
CA LEU B 12 4.97 -10.28 4.00
C LEU B 12 5.66 -11.57 3.62
N ASN B 13 6.65 -11.48 2.74
CA ASN B 13 7.53 -12.63 2.55
C ASN B 13 8.85 -12.20 1.92
N THR B 14 9.93 -12.90 2.25
CA THR B 14 11.26 -12.44 1.88
C THR B 14 11.93 -13.29 0.79
N LYS B 15 11.10 -13.89 -0.05
CA LYS B 15 11.58 -14.69 -1.18
C LYS B 15 12.73 -14.00 -1.92
N ARG B 16 13.86 -14.68 -2.00
CA ARG B 16 15.02 -14.24 -2.81
C ARG B 16 15.72 -12.97 -2.31
N LEU B 17 15.27 -12.45 -1.19
CA LEU B 17 15.87 -11.27 -0.59
C LEU B 17 17.12 -11.61 0.20
N LEU B 18 18.25 -10.98 -0.13
CA LEU B 18 19.50 -11.32 0.55
C LEU B 18 19.57 -10.70 1.94
N PRO B 19 20.50 -11.18 2.79
CA PRO B 19 20.73 -10.59 4.10
C PRO B 19 20.99 -9.12 3.97
N THR B 20 20.35 -8.31 4.80
CA THR B 20 20.57 -6.87 4.77
C THR B 20 20.25 -6.29 6.13
N ARG B 21 20.94 -5.21 6.46
CA ARG B 21 20.77 -4.57 7.76
C ARG B 21 20.63 -3.08 7.56
N TYR B 22 19.44 -2.57 7.80
CA TYR B 22 19.13 -1.19 7.53
C TYR B 22 18.85 -0.55 8.88
N LYS B 23 19.23 0.71 9.01
CA LYS B 23 19.18 1.35 10.31
C LYS B 23 18.71 2.80 10.19
N THR B 24 17.55 3.10 10.77
CA THR B 24 17.16 4.49 10.99
C THR B 24 17.41 4.91 12.45
N LYS B 25 17.15 6.16 12.73
CA LYS B 25 17.37 6.68 14.06
C LYS B 25 16.47 5.99 15.08
N ASN B 26 15.38 5.37 14.62
CA ASN B 26 14.40 4.75 15.51
C ASN B 26 14.34 3.22 15.49
N ALA B 27 15.06 2.59 14.57
CA ALA B 27 14.93 1.15 14.46
C ALA B 27 16.13 0.55 13.77
N ILE B 28 16.48 -0.67 14.16
CA ILE B 28 17.37 -1.49 13.36
C ILE B 28 16.51 -2.60 12.77
N MET B 29 16.63 -2.81 11.48
CA MET B 29 15.82 -3.82 10.81
C MET B 29 16.72 -4.68 9.94
N SER B 30 16.55 -5.99 10.04
CA SER B 30 17.41 -6.94 9.36
C SER B 30 16.60 -7.98 8.62
N ILE B 31 17.06 -8.33 7.43
CA ILE B 31 16.66 -9.59 6.83
C ILE B 31 17.82 -10.54 7.07
N LEU B 32 17.54 -11.69 7.67
CA LEU B 32 18.58 -12.64 8.00
C LEU B 32 18.81 -13.66 6.88
N ARG B 33 19.89 -14.41 7.00
CA ARG B 33 20.23 -15.47 6.05
C ARG B 33 19.10 -16.51 5.93
N ASN B 34 18.38 -16.76 7.02
CA ASN B 34 17.27 -17.73 7.01
C ASN B 34 15.93 -17.15 6.53
N GLY B 35 15.96 -15.92 6.01
CA GLY B 35 14.78 -15.27 5.46
C GLY B 35 13.90 -14.52 6.45
N GLU B 36 14.16 -14.68 7.74
CA GLU B 36 13.36 -14.03 8.79
C GLU B 36 13.67 -12.54 8.89
N VAL B 37 12.66 -11.76 9.26
CA VAL B 37 12.78 -10.32 9.48
C VAL B 37 12.91 -10.02 10.97
N VAL B 38 13.94 -9.28 11.35
CA VAL B 38 14.06 -8.87 12.73
C VAL B 38 14.02 -7.36 12.85
N LEU B 39 13.11 -6.87 13.68
CA LEU B 39 12.97 -5.44 13.90
C LEU B 39 13.32 -5.16 15.35
N GLU B 40 14.34 -4.32 15.56
CA GLU B 40 14.75 -3.95 16.89
C GLU B 40 14.42 -2.47 17.06
N PHE B 41 13.35 -2.15 17.79
CA PHE B 41 12.96 -0.75 17.93
C PHE B 41 13.74 -0.12 19.06
N LEU B 42 14.29 1.05 18.81
CA LEU B 42 15.19 1.68 19.78
C LEU B 42 14.51 2.74 20.63
N LYS B 43 15.02 2.91 21.84
CA LYS B 43 14.62 3.99 22.73
C LYS B 43 15.89 4.48 23.42
N PHE B 44 16.15 5.79 23.36
CA PHE B 44 17.34 6.35 23.99
C PHE B 44 17.19 6.47 25.52
N ARG B 45 18.13 5.85 26.24
CA ARG B 45 18.05 5.78 27.69
C ARG B 45 19.20 6.55 28.38
N PRO B 46 18.90 7.80 28.80
CA PRO B 46 19.80 8.66 29.55
C PRO B 46 20.60 7.89 30.60
N THR B 47 19.94 7.01 31.34
CA THR B 47 20.58 6.18 32.34
C THR B 47 21.85 5.53 31.80
N TYR B 48 21.77 5.03 30.57
CA TYR B 48 22.89 4.36 29.89
C TYR B 48 23.57 5.31 28.91
N ASN B 49 22.91 6.43 28.63
CA ASN B 49 23.44 7.41 27.69
C ASN B 49 23.71 6.82 26.30
N GLU B 50 22.75 6.07 25.79
CA GLU B 50 22.91 5.39 24.50
C GLU B 50 21.58 4.79 24.07
N ASP B 51 21.44 4.52 22.78
CA ASP B 51 20.27 3.80 22.30
C ASP B 51 20.21 2.45 22.99
N ARG B 52 18.99 2.00 23.30
CA ARG B 52 18.79 0.65 23.80
C ARG B 52 17.72 -0.07 22.97
N ILE B 53 17.88 -1.38 22.75
CA ILE B 53 16.84 -2.14 22.08
C ILE B 53 15.62 -2.20 23.00
N ASN B 54 14.58 -1.47 22.64
CA ASN B 54 13.40 -1.37 23.48
C ASN B 54 12.39 -2.51 23.30
N ASP B 55 12.14 -2.86 22.05
CA ASP B 55 11.37 -4.06 21.75
C ASP B 55 11.73 -4.66 20.42
N ILE B 56 11.35 -5.92 20.28
CA ILE B 56 11.80 -6.72 19.18
C ILE B 56 10.59 -7.38 18.56
N CYS B 57 10.56 -7.35 17.23
CA CYS B 57 9.51 -8.03 16.49
C CYS B 57 10.23 -8.89 15.48
N ARG B 58 10.09 -10.21 15.62
CA ARG B 58 10.59 -11.14 14.61
C ARG B 58 9.40 -11.65 13.78
N ILE B 59 9.62 -11.72 12.48
CA ILE B 59 8.57 -12.19 11.57
C ILE B 59 9.14 -13.25 10.67
N SER B 60 8.39 -14.33 10.45
CA SER B 60 8.93 -15.46 9.72
C SER B 60 9.04 -15.06 8.26
N ASP B 61 9.79 -15.83 7.49
CA ASP B 61 10.03 -15.48 6.09
C ASP B 61 8.78 -15.55 5.21
N ASP B 62 7.68 -16.09 5.72
CA ASP B 62 6.43 -16.15 4.94
C ASP B 62 5.37 -15.23 5.53
N GLY B 63 5.72 -14.52 6.58
CA GLY B 63 4.83 -13.53 7.20
C GLY B 63 3.76 -14.10 8.12
N GLN B 64 3.74 -15.41 8.33
CA GLN B 64 2.65 -16.04 9.10
C GLN B 64 2.91 -16.17 10.61
N ARG B 65 4.17 -16.24 11.03
CA ARG B 65 4.52 -16.40 12.45
C ARG B 65 5.20 -15.15 12.99
N ILE B 66 4.71 -14.64 14.11
CA ILE B 66 5.23 -13.41 14.71
C ILE B 66 5.58 -13.61 16.18
N ILE B 67 6.76 -13.12 16.58
CA ILE B 67 7.12 -13.09 17.99
C ILE B 67 7.40 -11.66 18.37
N ILE B 68 6.78 -11.20 19.45
CA ILE B 68 6.93 -9.81 19.87
C ILE B 68 7.12 -9.72 21.36
N TYR B 69 8.25 -9.15 21.78
CA TYR B 69 8.49 -8.95 23.20
C TYR B 69 9.36 -7.72 23.50
N GLN B 70 9.51 -7.44 24.80
CA GLN B 70 10.39 -6.39 25.27
C GLN B 70 11.53 -7.01 26.05
N PRO B 71 12.75 -6.90 25.51
CA PRO B 71 13.87 -7.53 26.22
C PRO B 71 14.16 -6.76 27.49
N ASP B 72 14.46 -7.48 28.58
CA ASP B 72 14.78 -6.89 29.88
C ASP B 72 14.01 -5.59 30.16
N PRO B 73 12.70 -5.71 30.44
CA PRO B 73 11.83 -4.54 30.41
C PRO B 73 12.27 -3.48 31.39
N GLY B 74 12.22 -2.22 30.94
CA GLY B 74 12.64 -1.09 31.75
C GLY B 74 13.97 -0.52 31.30
N ARG B 75 14.74 -1.33 30.57
CA ARG B 75 16.08 -0.93 30.15
C ARG B 75 16.52 -1.58 28.83
N GLY B 76 15.87 -2.67 28.47
CA GLY B 76 16.21 -3.38 27.25
C GLY B 76 17.68 -3.75 27.14
N LEU B 77 18.18 -3.75 25.91
CA LEU B 77 19.51 -4.26 25.60
C LEU B 77 20.28 -3.23 24.80
N PRO B 78 21.62 -3.21 24.96
CA PRO B 78 22.49 -2.33 24.17
C PRO B 78 22.57 -2.80 22.74
N VAL B 79 22.83 -1.87 21.84
CA VAL B 79 22.95 -2.19 20.43
C VAL B 79 24.25 -2.93 20.13
N ARG B 80 24.14 -4.04 19.39
CA ARG B 80 25.32 -4.76 18.88
C ARG B 80 25.33 -4.78 17.35
N GLU B 81 26.28 -5.51 16.76
CA GLU B 81 26.48 -5.52 15.32
C GLU B 81 25.41 -6.28 14.56
N GLN B 82 24.67 -7.12 15.28
CA GLN B 82 23.55 -7.86 14.72
C GLN B 82 22.44 -7.90 15.75
N PRO B 83 21.25 -8.33 15.34
CA PRO B 83 20.15 -8.49 16.30
C PRO B 83 20.47 -9.59 17.29
N PRO B 84 19.85 -9.55 18.48
CA PRO B 84 20.09 -10.56 19.49
C PRO B 84 19.58 -11.92 19.03
N ASP B 85 20.07 -12.99 19.63
CA ASP B 85 19.57 -14.32 19.34
C ASP B 85 18.14 -14.42 19.84
N LEU B 86 17.38 -15.33 19.26
CA LEU B 86 16.01 -15.56 19.71
C LEU B 86 16.01 -16.59 20.83
N GLN B 87 15.56 -16.18 22.00
CA GLN B 87 15.35 -17.11 23.10
C GLN B 87 14.11 -17.94 22.80
N ILE B 88 14.14 -19.21 23.18
CA ILE B 88 12.96 -20.06 23.08
C ILE B 88 11.75 -19.33 23.65
N PRO B 89 10.73 -19.10 22.82
CA PRO B 89 9.51 -18.36 23.19
C PRO B 89 8.74 -18.93 24.39
N SER B 90 8.14 -18.06 25.19
CA SER B 90 7.37 -18.48 26.35
C SER B 90 5.89 -18.73 26.01
N GLY B 91 5.50 -18.48 24.77
CA GLY B 91 4.14 -18.75 24.31
C GLY B 91 3.31 -17.50 24.07
N ASP B 92 3.10 -16.71 25.11
CA ASP B 92 2.28 -15.51 25.03
C ASP B 92 2.95 -14.36 24.26
N CYS B 93 4.07 -14.66 23.61
CA CYS B 93 4.75 -13.69 22.75
C CYS B 93 4.80 -14.23 21.33
N VAL B 94 4.16 -15.38 21.13
CA VAL B 94 4.02 -15.97 19.82
C VAL B 94 2.61 -15.75 19.31
N TYR B 95 2.49 -15.05 18.18
CA TYR B 95 1.21 -14.78 17.55
C TYR B 95 1.31 -15.31 16.15
N ASN B 96 0.20 -15.33 15.44
CA ASN B 96 0.28 -15.54 14.00
C ASN B 96 -0.49 -14.50 13.24
N TYR B 97 -0.25 -14.46 11.95
CA TYR B 97 -0.77 -13.42 11.10
C TYR B 97 -2.27 -13.21 11.23
N ASP B 98 -3.01 -14.29 11.40
CA ASP B 98 -4.46 -14.22 11.33
C ASP B 98 -5.11 -13.81 12.63
N ASN B 99 -4.33 -13.85 13.70
CA ASN B 99 -4.85 -13.52 15.01
C ASN B 99 -4.00 -12.47 15.72
N LEU B 100 -3.00 -11.95 15.03
CA LEU B 100 -2.18 -10.89 15.58
C LEU B 100 -3.10 -9.79 16.10
N PRO B 101 -3.02 -9.49 17.41
CA PRO B 101 -3.86 -8.41 17.94
C PRO B 101 -3.59 -7.07 17.25
N SER B 102 -4.54 -6.15 17.35
CA SER B 102 -4.48 -4.91 16.60
C SER B 102 -3.42 -3.92 17.13
N LYS B 103 -3.10 -4.01 18.41
CA LYS B 103 -2.09 -3.13 19.00
C LYS B 103 -0.68 -3.40 18.46
N HIS B 104 -0.53 -4.51 17.76
CA HIS B 104 0.76 -4.88 17.20
C HIS B 104 0.81 -4.70 15.68
N TRP B 105 -0.31 -4.29 15.10
CA TRP B 105 -0.39 -4.11 13.66
C TRP B 105 0.63 -3.09 13.13
N LYS B 106 0.86 -2.02 13.87
CA LYS B 106 1.81 -1.00 13.40
C LYS B 106 3.23 -1.56 13.21
N LYS B 107 3.69 -2.37 14.17
CA LYS B 107 4.98 -3.05 14.04
C LYS B 107 5.00 -3.97 12.81
N TYR B 108 4.00 -4.82 12.68
CA TYR B 108 3.95 -5.73 11.55
C TYR B 108 4.00 -4.98 10.22
N ILE B 109 3.22 -3.91 10.10
CA ILE B 109 3.22 -3.06 8.91
C ILE B 109 4.58 -2.42 8.64
N TYR B 110 5.28 -2.07 9.71
CA TYR B 110 6.64 -1.56 9.57
C TYR B 110 7.54 -2.63 8.89
N GLY B 111 7.39 -3.88 9.34
CA GLY B 111 8.13 -4.98 8.74
C GLY B 111 7.79 -5.17 7.27
N ALA B 112 6.50 -5.15 6.95
CA ALA B 112 6.04 -5.29 5.57
C ALA B 112 6.68 -4.20 4.73
N ARG B 113 6.69 -2.99 5.25
CA ARG B 113 7.30 -1.87 4.54
C ARG B 113 8.81 -1.98 4.35
N PHE B 114 9.53 -2.47 5.36
CA PHE B 114 10.96 -2.65 5.22
C PHE B 114 11.23 -3.68 4.16
N VAL B 115 10.50 -4.79 4.20
CA VAL B 115 10.58 -5.80 3.16
C VAL B 115 10.22 -5.24 1.76
N GLY B 116 9.16 -4.44 1.67
CA GLY B 116 8.84 -3.76 0.43
C GLY B 116 10.02 -2.96 -0.15
N LEU B 117 10.75 -2.30 0.73
CA LEU B 117 11.87 -1.45 0.28
C LEU B 117 12.96 -2.28 -0.33
N VAL B 118 13.33 -3.33 0.39
CA VAL B 118 14.40 -4.21 -0.04
C VAL B 118 13.98 -4.90 -1.35
N LYS B 119 12.72 -5.30 -1.43
CA LYS B 119 12.22 -5.89 -2.67
C LYS B 119 12.32 -4.91 -3.82
N SER B 120 12.18 -3.62 -3.53
CA SER B 120 12.18 -2.60 -4.58
C SER B 120 13.58 -2.31 -5.08
N LYS B 121 14.58 -2.87 -4.40
CA LYS B 121 15.98 -2.64 -4.78
C LYS B 121 16.66 -3.94 -5.12
N THR B 122 15.90 -5.03 -5.18
CA THR B 122 16.50 -6.33 -5.48
C THR B 122 16.17 -6.82 -6.89
N PRO B 123 17.17 -6.87 -7.76
CA PRO B 123 16.97 -7.20 -9.18
C PRO B 123 16.43 -8.61 -9.37
N LYS B 124 15.35 -8.76 -10.12
CA LYS B 124 14.80 -10.08 -10.35
C LYS B 124 15.14 -10.53 -11.76
N VAL B 125 15.02 -9.60 -12.71
CA VAL B 125 15.46 -9.83 -14.07
C VAL B 125 16.43 -8.73 -14.53
N THR B 126 17.61 -9.12 -15.01
CA THR B 126 18.55 -8.14 -15.52
C THR B 126 18.74 -8.44 -17.01
N TYR B 127 18.74 -7.39 -17.82
CA TYR B 127 18.77 -7.56 -19.28
C TYR B 127 19.63 -6.49 -19.95
N PHE B 128 20.58 -6.92 -20.78
CA PHE B 128 21.40 -5.98 -21.53
C PHE B 128 20.82 -5.70 -22.92
N SER B 129 20.17 -4.56 -23.07
CA SER B 129 19.61 -4.18 -24.35
C SER B 129 20.73 -3.64 -25.19
N THR B 130 20.38 -3.01 -26.32
CA THR B 130 21.37 -2.40 -27.20
C THR B 130 21.80 -1.06 -26.65
N LEU B 131 20.97 -0.48 -25.79
CA LEU B 131 21.23 0.85 -25.24
C LEU B 131 21.61 0.91 -23.77
N GLY B 132 21.32 -0.15 -23.03
CA GLY B 132 21.57 -0.07 -21.60
C GLY B 132 21.21 -1.29 -20.80
N LYS B 133 21.61 -1.26 -19.53
CA LYS B 133 21.40 -2.36 -18.61
C LYS B 133 20.06 -2.19 -17.89
N CYS B 134 19.15 -3.12 -18.11
CA CYS B 134 17.81 -2.99 -17.59
C CYS B 134 17.65 -3.88 -16.40
N GLN B 135 16.96 -3.40 -15.37
CA GLN B 135 16.72 -4.23 -14.19
C GLN B 135 15.30 -4.13 -13.65
N LEU B 136 14.58 -5.25 -13.68
CA LEU B 136 13.26 -5.36 -13.07
C LEU B 136 13.40 -5.92 -11.65
N MET B 137 12.93 -5.18 -10.65
CA MET B 137 13.08 -5.54 -9.25
C MET B 137 12.05 -6.57 -8.84
N GLU B 138 12.22 -7.13 -7.64
CA GLU B 138 11.36 -8.20 -7.19
C GLU B 138 9.88 -7.76 -7.01
N THR B 139 9.67 -6.45 -6.83
CA THR B 139 8.30 -5.97 -6.71
C THR B 139 7.50 -6.09 -8.01
N MET B 140 8.19 -6.35 -9.12
CA MET B 140 7.60 -6.33 -10.48
C MET B 140 7.13 -4.95 -10.97
N THR B 141 7.25 -3.93 -10.13
CA THR B 141 6.85 -2.58 -10.52
C THR B 141 8.04 -1.62 -10.61
N ASP B 142 9.04 -1.81 -9.77
CA ASP B 142 10.22 -0.95 -9.81
C ASP B 142 11.17 -1.45 -10.86
N PHE B 143 11.77 -0.52 -11.58
CA PHE B 143 12.48 -0.84 -12.80
C PHE B 143 13.35 0.33 -13.20
N GLU B 144 14.55 0.03 -13.70
CA GLU B 144 15.43 1.09 -14.12
C GLU B 144 16.36 0.59 -15.22
N ILE B 145 16.89 1.54 -16.00
CA ILE B 145 17.87 1.24 -17.02
C ILE B 145 19.06 2.17 -16.85
N ARG B 146 20.27 1.61 -16.77
CA ARG B 146 21.48 2.43 -16.84
C ARG B 146 22.03 2.42 -18.26
N PHE B 147 21.75 3.48 -19.01
CA PHE B 147 22.21 3.52 -20.40
C PHE B 147 23.72 3.59 -20.48
N TYR B 148 24.29 2.96 -21.51
CA TYR B 148 25.73 2.98 -21.73
C TYR B 148 26.21 4.40 -21.91
N SER B 149 25.39 5.23 -22.55
CA SER B 149 25.72 6.64 -22.75
C SER B 149 25.92 7.34 -21.42
N GLY B 150 25.03 7.07 -20.47
CA GLY B 150 25.11 7.68 -19.15
C GLY B 150 23.76 7.98 -18.55
N ALA B 151 22.75 8.17 -19.39
CA ALA B 151 21.42 8.49 -18.90
C ALA B 151 20.86 7.36 -18.04
N LYS B 152 19.74 7.63 -17.40
CA LYS B 152 19.11 6.69 -16.49
C LYS B 152 17.62 6.89 -16.57
N LEU B 153 16.89 5.79 -16.66
CA LEU B 153 15.45 5.83 -16.66
C LEU B 153 15.00 5.14 -15.38
N LEU B 154 14.02 5.73 -14.71
CA LEU B 154 13.48 5.21 -13.45
C LEU B 154 11.99 4.98 -13.59
N LYS B 155 11.52 3.79 -13.28
CA LYS B 155 10.09 3.56 -13.22
C LYS B 155 9.76 3.14 -11.80
N THR B 156 8.76 3.80 -11.21
CA THR B 156 8.30 3.52 -9.85
C THR B 156 6.79 3.53 -9.87
N PRO B 157 6.16 2.93 -8.86
CA PRO B 157 4.70 2.84 -8.80
C PRO B 157 3.99 4.18 -8.58
N SER B 158 4.68 5.19 -8.06
CA SER B 158 3.99 6.45 -7.76
C SER B 158 4.17 7.56 -8.81
N GLU B 159 5.28 7.56 -9.55
CA GLU B 159 5.54 8.64 -10.50
C GLU B 159 5.52 8.23 -11.97
N GLY B 160 5.72 6.94 -12.26
CA GLY B 160 5.86 6.50 -13.64
C GLY B 160 7.29 6.61 -14.14
N LEU B 161 7.47 6.78 -15.45
CA LEU B 161 8.81 6.84 -16.03
C LEU B 161 9.44 8.23 -16.06
N LYS B 162 10.65 8.34 -15.53
CA LYS B 162 11.42 9.58 -15.57
C LYS B 162 12.79 9.22 -16.13
N VAL B 163 13.45 10.17 -16.79
CA VAL B 163 14.81 9.91 -17.26
C VAL B 163 15.76 11.06 -16.90
N TYR B 164 17.01 10.72 -16.58
CA TYR B 164 18.00 11.66 -16.06
C TYR B 164 19.34 11.49 -16.75
N ASP B 165 20.21 12.50 -16.65
CA ASP B 165 21.59 12.32 -17.13
C ASP B 165 22.37 11.60 -16.05
N ARG B 166 23.66 11.32 -16.29
CA ARG B 166 24.45 10.51 -15.36
C ARG B 166 24.62 11.10 -13.95
N ASN B 167 24.49 12.43 -13.83
CA ASN B 167 24.70 13.11 -12.55
C ASN B 167 23.39 13.29 -11.80
N GLY B 168 22.29 13.02 -12.50
CA GLY B 168 20.97 13.00 -11.91
C GLY B 168 20.07 14.17 -12.27
N MET B 169 20.36 14.85 -13.37
CA MET B 169 19.47 15.91 -13.83
C MET B 169 18.43 15.34 -14.78
N LEU B 170 17.17 15.70 -14.55
CA LEU B 170 16.04 15.15 -15.31
C LEU B 170 15.86 15.77 -16.70
N LEU B 171 16.42 15.14 -17.74
CA LEU B 171 16.34 15.69 -19.09
C LEU B 171 14.89 15.90 -19.53
N CYS B 176 13.89 18.31 -25.63
CA CYS B 176 13.99 16.99 -25.00
C CYS B 176 13.32 15.90 -25.84
N SER B 177 13.81 15.71 -27.05
CA SER B 177 13.31 14.64 -27.92
C SER B 177 14.13 13.37 -27.68
N GLU B 178 15.37 13.55 -27.22
CA GLU B 178 16.21 12.42 -26.80
C GLU B 178 15.51 11.65 -25.68
N SER B 179 14.75 12.39 -24.87
CA SER B 179 13.97 11.79 -23.80
C SER B 179 12.88 10.88 -24.36
N ARG B 180 12.23 11.31 -25.44
CA ARG B 180 11.18 10.52 -26.09
C ARG B 180 11.71 9.16 -26.55
N SER B 181 13.01 9.14 -26.88
CA SER B 181 13.66 7.95 -27.39
C SER B 181 14.02 7.01 -26.24
N LEU B 182 14.68 7.55 -25.23
CA LEU B 182 15.03 6.76 -24.05
C LEU B 182 13.78 6.24 -23.32
N ILE B 183 12.77 7.08 -23.18
CA ILE B 183 11.52 6.66 -22.55
C ILE B 183 10.87 5.53 -23.34
N GLU B 184 10.90 5.62 -24.67
CA GLU B 184 10.26 4.57 -25.45
C GLU B 184 11.04 3.25 -25.29
N HIS B 185 12.36 3.34 -25.35
CA HIS B 185 13.20 2.17 -25.14
C HIS B 185 12.95 1.60 -23.76
N GLY B 186 12.81 2.46 -22.76
CA GLY B 186 12.54 2.01 -21.40
C GLY B 186 11.26 1.17 -21.28
N ASN B 187 10.16 1.65 -21.86
CA ASN B 187 8.92 0.89 -21.89
C ASN B 187 9.12 -0.47 -22.50
N GLU B 188 9.82 -0.51 -23.63
CA GLU B 188 10.10 -1.75 -24.33
C GLU B 188 10.88 -2.76 -23.47
N CYS B 189 11.98 -2.32 -22.86
CA CYS B 189 12.76 -3.17 -21.97
C CYS B 189 11.89 -3.67 -20.80
N PHE B 190 11.08 -2.77 -20.24
CA PHE B 190 10.27 -3.12 -19.08
C PHE B 190 9.36 -4.29 -19.43
N THR B 191 8.70 -4.17 -20.56
CA THR B 191 7.81 -5.21 -21.03
C THR B 191 8.57 -6.49 -21.32
N HIS B 192 9.76 -6.37 -21.92
CA HIS B 192 10.54 -7.60 -22.20
C HIS B 192 10.88 -8.31 -20.89
N CYS B 193 11.34 -7.55 -19.90
CA CYS B 193 11.70 -8.10 -18.59
C CYS B 193 10.50 -8.76 -17.92
N VAL B 194 9.33 -8.12 -18.00
CA VAL B 194 8.11 -8.73 -17.47
C VAL B 194 7.77 -10.02 -18.18
N ASN B 195 7.95 -10.06 -19.51
CA ASN B 195 7.67 -11.27 -20.27
C ASN B 195 8.67 -12.37 -19.92
N ILE B 196 9.93 -12.00 -19.70
CA ILE B 196 10.95 -12.97 -19.30
C ILE B 196 10.52 -13.58 -17.97
N SER B 197 10.20 -12.71 -17.02
CA SER B 197 9.76 -13.16 -15.71
C SER B 197 8.55 -14.11 -15.77
N ASN B 198 7.52 -13.73 -16.51
CA ASN B 198 6.35 -14.61 -16.64
C ASN B 198 6.73 -15.93 -17.29
N ALA B 199 7.63 -15.86 -18.26
CA ALA B 199 7.99 -17.07 -19.00
C ALA B 199 8.68 -18.08 -18.11
N LEU B 200 9.56 -17.60 -17.22
CA LEU B 200 10.40 -18.44 -16.38
C LEU B 200 9.70 -19.14 -15.22
N GLU B 201 8.54 -18.65 -14.82
CA GLU B 201 7.79 -19.28 -13.75
C GLU B 201 7.38 -20.70 -14.09
N VAL B 202 7.27 -20.97 -15.39
CA VAL B 202 6.96 -22.30 -15.89
C VAL B 202 8.05 -23.32 -15.50
N ALA B 203 9.33 -22.91 -15.56
CA ALA B 203 10.41 -23.84 -15.23
C ALA B 203 10.71 -23.92 -13.74
N GLN B 204 9.97 -23.15 -12.94
CA GLN B 204 10.24 -23.09 -11.51
C GLN B 204 9.72 -24.31 -10.75
N THR B 205 10.57 -24.87 -9.90
CA THR B 205 10.20 -25.96 -9.02
C THR B 205 10.63 -25.60 -7.60
N LYS B 206 10.22 -26.41 -6.63
CA LYS B 206 10.60 -26.12 -5.24
C LYS B 206 12.12 -26.26 -5.08
N ASP B 207 12.71 -27.20 -5.81
CA ASP B 207 14.14 -27.52 -5.73
C ASP B 207 15.05 -26.68 -6.64
N ASN B 208 14.47 -26.10 -7.69
CA ASN B 208 15.28 -25.38 -8.68
C ASN B 208 14.66 -24.04 -9.04
N SER B 209 15.48 -23.01 -8.95
CA SER B 209 14.98 -21.65 -9.02
C SER B 209 15.19 -21.13 -10.43
N CYS B 210 14.51 -20.05 -10.76
CA CYS B 210 14.72 -19.45 -12.06
C CYS B 210 15.12 -17.99 -11.92
N PHE B 211 15.24 -17.52 -10.67
CA PHE B 211 15.63 -16.14 -10.38
C PHE B 211 16.68 -16.07 -9.28
N PRO B 212 17.48 -15.00 -9.24
CA PRO B 212 17.50 -13.90 -10.20
C PRO B 212 18.09 -14.31 -11.54
N VAL B 213 17.67 -13.65 -12.60
CA VAL B 213 18.16 -14.01 -13.92
C VAL B 213 18.85 -12.82 -14.59
N THR B 214 19.87 -13.10 -15.38
CA THR B 214 20.59 -12.08 -16.12
C THR B 214 20.79 -12.53 -17.56
N ILE B 215 20.36 -11.69 -18.50
CA ILE B 215 20.44 -12.03 -19.92
C ILE B 215 21.37 -11.08 -20.67
N GLY B 216 22.28 -11.63 -21.48
CA GLY B 216 23.21 -10.83 -22.25
C GLY B 216 24.38 -10.36 -21.42
N ARG B 217 25.15 -9.41 -21.96
CA ARG B 217 26.28 -8.83 -21.23
C ARG B 217 26.63 -7.46 -21.80
N ARG B 218 27.33 -6.65 -21.03
CA ARG B 218 27.69 -5.33 -21.50
C ARG B 218 28.59 -5.45 -22.72
N PRO B 219 28.23 -4.74 -23.80
CA PRO B 219 28.99 -4.76 -25.06
C PRO B 219 30.41 -4.22 -24.90
N ILE B 220 31.03 -3.81 -26.01
CA ILE B 220 32.37 -3.25 -25.96
C ILE B 220 32.78 -2.69 -27.32
S SO4 C . -23.43 20.55 -17.76
O1 SO4 C . -24.32 19.99 -16.74
O2 SO4 C . -23.52 19.76 -18.98
O3 SO4 C . -22.05 20.50 -17.27
O4 SO4 C . -23.81 21.94 -18.04
S SO4 D . -17.98 9.93 -20.76
O1 SO4 D . -19.43 9.91 -20.62
O2 SO4 D . -17.63 10.48 -22.07
O3 SO4 D . -17.46 8.58 -20.68
O4 SO4 D . -17.41 10.76 -19.71
S SO4 E . -16.77 10.40 -14.80
O1 SO4 E . -17.65 10.95 -13.79
O2 SO4 E . -17.29 10.63 -16.15
O3 SO4 E . -16.67 8.95 -14.60
O4 SO4 E . -15.44 10.99 -14.66
S SO4 F . -5.08 18.07 -2.13
O1 SO4 F . -5.27 16.62 -2.25
O2 SO4 F . -4.76 18.63 -3.45
O3 SO4 F . -3.97 18.34 -1.22
O4 SO4 F . -6.29 18.71 -1.63
S SO4 G . 16.02 5.93 31.66
O1 SO4 G . 15.57 6.54 30.41
O2 SO4 G . 16.79 4.73 31.39
O3 SO4 G . 14.85 5.57 32.47
O4 SO4 G . 16.85 6.89 32.39
S SO4 H . 7.61 -16.39 -6.99
O1 SO4 H . 6.97 -16.19 -5.70
O2 SO4 H . 6.58 -16.75 -7.97
O3 SO4 H . 8.57 -17.50 -6.90
O4 SO4 H . 8.29 -15.17 -7.40
#